data_6DAX
#
_entry.id   6DAX
#
_cell.length_a   80.376
_cell.length_b   67.076
_cell.length_c   62.646
_cell.angle_alpha   90.000
_cell.angle_beta   108.720
_cell.angle_gamma   90.000
#
_symmetry.space_group_name_H-M   'C 1 2 1'
#
loop_
_entity.id
_entity.type
_entity.pdbx_description
1 polymer 'Alpha-ketoglutarate-dependent L-arginine hydroxylase'
2 non-polymer '2-OXOGLUTARIC ACID'
3 non-polymer L-HOMOARGININE
4 non-polymer 'FE (II) ION'
5 water water
#
_entity_poly.entity_id   1
_entity_poly.type   'polypeptide(L)'
_entity_poly.pdbx_seq_one_letter_code
;VRPWSEFRLTPAEAAAAAALAARCAQRYDETDGPEFLLDAPVIAHELPRRLRTFMARARLDAWPHALVVRGNPVDDAALG
STPVHWRTARTPGSRPLSFLLMLYAGLLGDVFGWATQQDGRVVTDVLPIKGGEHTLVSSSSRQELGWHTEDAFSPYRADY
VGLLSLRNPDGVATTLAGVPLDDLDERTLDVLFQERFLIRPDDSHLQVNNSTAQQGRVEFEGIAQAADRPEPVAILTGHR
AAPHLRVDGDFSAPAEGDEEAAAALGTLRKLIDASLYELVLDQGDVAFIDNRRAVHGRRAFQPRYDGRDRWLKRINITRD
LHRSRKAWAGDSRVLGQR
;
_entity_poly.pdbx_strand_id   A
#
# COMPACT_ATOMS: atom_id res chain seq x y z
N VAL A 1 6.69 -4.75 23.69
CA VAL A 1 5.45 -4.83 22.85
C VAL A 1 5.75 -4.62 21.38
N ARG A 2 4.73 -4.81 20.54
CA ARG A 2 4.82 -4.57 19.10
C ARG A 2 3.55 -3.84 18.64
N PRO A 3 3.69 -2.71 17.93
CA PRO A 3 2.49 -2.01 17.44
C PRO A 3 1.75 -2.69 16.26
N TRP A 4 2.31 -3.77 15.73
CA TRP A 4 1.66 -4.57 14.69
C TRP A 4 1.44 -6.00 15.17
N SER A 5 0.58 -6.74 14.47
CA SER A 5 0.32 -8.14 14.79
C SER A 5 1.15 -9.03 13.87
N GLU A 6 1.90 -9.97 14.47
CA GLU A 6 2.88 -10.76 13.73
C GLU A 6 2.59 -12.26 13.80
N PHE A 7 2.79 -12.92 12.65
CA PHE A 7 2.60 -14.36 12.51
C PHE A 7 3.84 -14.90 11.81
N ARG A 8 4.41 -15.99 12.32
CA ARG A 8 5.54 -16.65 11.66
C ARG A 8 5.13 -18.05 11.19
N LEU A 9 5.18 -18.25 9.88
CA LEU A 9 4.89 -19.55 9.28
C LEU A 9 5.95 -20.57 9.69
N THR A 10 5.52 -21.79 9.97
CA THR A 10 6.46 -22.90 10.11
C THR A 10 6.91 -23.26 8.70
N PRO A 11 8.09 -23.89 8.57
CA PRO A 11 8.55 -24.29 7.24
C PRO A 11 7.53 -25.13 6.45
N ALA A 12 6.81 -26.01 7.14
CA ALA A 12 5.77 -26.84 6.51
C ALA A 12 4.60 -25.99 6.01
N GLU A 13 4.14 -25.06 6.87
CA GLU A 13 3.08 -24.13 6.50
C GLU A 13 3.49 -23.24 5.33
N ALA A 14 4.73 -22.75 5.39
CA ALA A 14 5.26 -21.89 4.33
C ALA A 14 5.35 -22.66 3.01
N ALA A 15 5.87 -23.89 3.08
CA ALA A 15 5.96 -24.77 1.91
C ALA A 15 4.59 -25.05 1.28
N ALA A 16 3.58 -25.27 2.12
CA ALA A 16 2.21 -25.54 1.65
C ALA A 16 1.64 -24.33 0.93
N ALA A 17 1.82 -23.13 1.49
CA ALA A 17 1.36 -21.90 0.87
C ALA A 17 2.04 -21.66 -0.47
N ALA A 18 3.35 -21.88 -0.50
CA ALA A 18 4.13 -21.75 -1.74
C ALA A 18 3.63 -22.73 -2.82
N ALA A 19 3.38 -23.98 -2.40
CA ALA A 19 2.86 -25.00 -3.32
C ALA A 19 1.51 -24.59 -3.92
N LEU A 20 0.64 -24.04 -3.08
CA LEU A 20 -0.67 -23.55 -3.54
C LEU A 20 -0.49 -22.43 -4.56
N ALA A 21 0.38 -21.47 -4.26
CA ALA A 21 0.69 -20.37 -5.18
C ALA A 21 1.23 -20.88 -6.53
N ALA A 22 2.13 -21.86 -6.46
CA ALA A 22 2.69 -22.47 -7.67
C ALA A 22 1.62 -23.16 -8.51
N ARG A 23 0.69 -23.84 -7.83
CA ARG A 23 -0.46 -24.47 -8.48
C ARG A 23 -1.30 -23.42 -9.23
N CYS A 24 -1.55 -22.29 -8.58
CA CYS A 24 -2.27 -21.18 -9.20
C CYS A 24 -1.53 -20.60 -10.40
N ALA A 25 -0.21 -20.45 -10.26
CA ALA A 25 0.63 -19.97 -11.36
C ALA A 25 0.56 -20.92 -12.57
N GLN A 26 0.44 -22.22 -12.29
CA GLN A 26 0.31 -23.23 -13.33
C GLN A 26 -1.06 -23.17 -14.03
N ARG A 27 -2.11 -22.93 -13.27
CA ARG A 27 -3.48 -23.02 -13.79
C ARG A 27 -4.03 -21.73 -14.41
N TYR A 28 -3.51 -20.57 -14.01
CA TYR A 28 -3.99 -19.28 -14.53
C TYR A 28 -2.91 -18.58 -15.34
N ASP A 29 -3.34 -17.77 -16.31
CA ASP A 29 -2.39 -17.02 -17.16
C ASP A 29 -1.72 -15.87 -16.41
N GLU A 30 -2.50 -15.10 -15.65
CA GLU A 30 -1.98 -13.95 -14.92
C GLU A 30 -2.75 -13.68 -13.63
N THR A 31 -2.12 -12.94 -12.72
CA THR A 31 -2.73 -12.60 -11.43
C THR A 31 -3.87 -11.61 -11.60
N ASP A 32 -3.76 -10.72 -12.59
CA ASP A 32 -4.73 -9.65 -12.79
C ASP A 32 -5.84 -10.01 -13.78
N GLY A 33 -5.83 -11.23 -14.28
CA GLY A 33 -6.90 -11.70 -15.15
C GLY A 33 -8.22 -11.77 -14.40
N PRO A 34 -9.34 -11.63 -15.12
CA PRO A 34 -10.64 -11.69 -14.46
C PRO A 34 -10.90 -13.01 -13.71
N GLU A 35 -10.34 -14.10 -14.23
CA GLU A 35 -10.54 -15.42 -13.63
C GLU A 35 -9.93 -15.52 -12.24
N PHE A 36 -8.64 -15.24 -12.13
CA PHE A 36 -7.96 -15.39 -10.85
C PHE A 36 -8.38 -14.34 -9.82
N LEU A 37 -8.74 -13.15 -10.28
CA LEU A 37 -9.30 -12.13 -9.39
C LEU A 37 -10.55 -12.66 -8.69
N LEU A 38 -11.42 -13.33 -9.45
CA LEU A 38 -12.64 -13.92 -8.89
C LEU A 38 -12.38 -15.16 -8.01
N ASP A 39 -11.43 -16.01 -8.42
CA ASP A 39 -11.19 -17.28 -7.74
C ASP A 39 -10.29 -17.20 -6.51
N ALA A 40 -9.37 -16.24 -6.50
CA ALA A 40 -8.34 -16.17 -5.45
C ALA A 40 -8.89 -16.21 -4.02
N PRO A 41 -9.96 -15.46 -3.71
CA PRO A 41 -10.51 -15.49 -2.35
C PRO A 41 -11.05 -16.87 -1.94
N VAL A 42 -11.52 -17.65 -2.90
CA VAL A 42 -11.99 -19.01 -2.63
C VAL A 42 -10.82 -20.00 -2.55
N ILE A 43 -9.85 -19.86 -3.44
CA ILE A 43 -8.64 -20.70 -3.40
C ILE A 43 -7.87 -20.46 -2.10
N ALA A 44 -7.89 -19.23 -1.61
CA ALA A 44 -7.24 -18.85 -0.35
C ALA A 44 -7.75 -19.64 0.87
N HIS A 45 -8.95 -20.21 0.76
CA HIS A 45 -9.49 -21.08 1.81
C HIS A 45 -8.68 -22.37 1.99
N GLU A 46 -7.84 -22.71 1.00
CA GLU A 46 -6.96 -23.89 1.07
C GLU A 46 -5.62 -23.59 1.76
N LEU A 47 -5.34 -22.33 2.11
CA LEU A 47 -4.11 -21.98 2.82
C LEU A 47 -4.07 -22.66 4.19
N PRO A 48 -2.86 -22.76 4.81
CA PRO A 48 -2.77 -23.38 6.14
C PRO A 48 -3.75 -22.79 7.16
N ARG A 49 -4.42 -23.65 7.91
CA ARG A 49 -5.51 -23.24 8.79
C ARG A 49 -5.08 -22.23 9.86
N ARG A 50 -3.89 -22.41 10.42
CA ARG A 50 -3.39 -21.51 11.47
C ARG A 50 -3.23 -20.10 10.91
N LEU A 51 -2.77 -20.00 9.66
CA LEU A 51 -2.65 -18.71 8.99
C LEU A 51 -4.03 -18.07 8.78
N ARG A 52 -4.99 -18.86 8.31
CA ARG A 52 -6.35 -18.36 8.08
C ARG A 52 -6.97 -17.86 9.39
N THR A 53 -6.73 -18.60 10.47
CA THR A 53 -7.19 -18.19 11.79
C THR A 53 -6.57 -16.85 12.22
N PHE A 54 -5.25 -16.71 12.02
CA PHE A 54 -4.55 -15.46 12.32
C PHE A 54 -5.15 -14.28 11.54
N MET A 55 -5.38 -14.46 10.25
CA MET A 55 -5.86 -13.37 9.40
C MET A 55 -7.29 -12.97 9.74
N ALA A 56 -8.13 -13.95 10.07
CA ALA A 56 -9.53 -13.68 10.43
C ALA A 56 -9.64 -12.96 11.79
N ARG A 57 -8.80 -13.34 12.74
CA ARG A 57 -8.82 -12.74 14.07
C ARG A 57 -8.10 -11.39 14.12
N ALA A 58 -6.91 -11.33 13.53
CA ALA A 58 -6.07 -10.14 13.63
C ALA A 58 -6.68 -8.93 12.94
N ARG A 59 -7.40 -9.16 11.84
CA ARG A 59 -8.13 -8.08 11.18
C ARG A 59 -9.19 -7.45 12.08
N LEU A 60 -9.71 -8.22 13.03
CA LEU A 60 -10.77 -7.73 13.93
C LEU A 60 -10.26 -7.11 15.24
N ASP A 61 -8.98 -7.27 15.56
CA ASP A 61 -8.40 -6.61 16.73
C ASP A 61 -8.43 -5.10 16.55
N ALA A 62 -8.58 -4.38 17.66
CA ALA A 62 -8.72 -2.93 17.63
C ALA A 62 -7.39 -2.17 17.43
N TRP A 63 -6.29 -2.79 17.82
CA TRP A 63 -4.99 -2.09 17.98
C TRP A 63 -3.96 -2.13 16.82
N PRO A 64 -3.82 -3.26 16.10
CA PRO A 64 -2.66 -3.36 15.18
C PRO A 64 -2.60 -2.31 14.06
N HIS A 65 -1.39 -1.78 13.80
CA HIS A 65 -1.17 -0.90 12.64
C HIS A 65 -0.99 -1.72 11.36
N ALA A 66 -0.63 -2.99 11.50
CA ALA A 66 -0.42 -3.86 10.35
C ALA A 66 -0.49 -5.33 10.76
N LEU A 67 -0.71 -6.19 9.77
CA LEU A 67 -0.62 -7.64 9.95
C LEU A 67 0.61 -8.11 9.21
N VAL A 68 1.56 -8.70 9.93
CA VAL A 68 2.83 -9.12 9.35
C VAL A 68 2.95 -10.64 9.37
N VAL A 69 3.26 -11.22 8.21
CA VAL A 69 3.48 -12.65 8.07
C VAL A 69 4.94 -12.90 7.66
N ARG A 70 5.70 -13.57 8.53
CA ARG A 70 7.11 -13.88 8.27
C ARG A 70 7.27 -15.32 7.79
N GLY A 71 8.31 -15.57 7.00
CA GLY A 71 8.80 -16.92 6.75
C GLY A 71 8.44 -17.57 5.42
N ASN A 72 8.09 -16.79 4.41
CA ASN A 72 7.90 -17.35 3.07
C ASN A 72 9.26 -17.53 2.40
N PRO A 73 9.61 -18.76 1.99
CA PRO A 73 10.91 -18.95 1.34
C PRO A 73 11.01 -18.27 -0.03
N VAL A 74 12.17 -17.69 -0.31
CA VAL A 74 12.46 -17.08 -1.60
C VAL A 74 13.86 -17.48 -2.01
N ASP A 75 13.99 -18.05 -3.20
CA ASP A 75 15.28 -18.47 -3.75
C ASP A 75 15.75 -17.40 -4.73
N ASP A 76 16.79 -16.65 -4.37
CA ASP A 76 17.32 -15.57 -5.22
C ASP A 76 17.76 -16.04 -6.62
N ALA A 77 18.27 -17.26 -6.70
CA ALA A 77 18.67 -17.83 -7.99
C ALA A 77 17.46 -18.06 -8.88
N ALA A 78 16.40 -18.63 -8.31
CA ALA A 78 15.14 -18.82 -9.04
C ALA A 78 14.42 -17.50 -9.31
N LEU A 79 14.46 -16.58 -8.34
CA LEU A 79 13.83 -15.26 -8.50
C LEU A 79 14.39 -14.48 -9.68
N GLY A 80 15.72 -14.50 -9.85
CA GLY A 80 16.38 -13.71 -10.89
C GLY A 80 16.69 -12.30 -10.44
N SER A 81 17.32 -11.52 -11.31
CA SER A 81 17.74 -10.16 -10.97
C SER A 81 16.56 -9.21 -10.79
N THR A 82 16.73 -8.21 -9.94
CA THR A 82 15.72 -7.18 -9.77
C THR A 82 15.57 -6.42 -11.09
N PRO A 83 14.32 -6.28 -11.58
CA PRO A 83 14.06 -5.50 -12.79
C PRO A 83 14.53 -4.05 -12.68
N VAL A 84 14.87 -3.44 -13.81
CA VAL A 84 15.32 -2.04 -13.84
C VAL A 84 14.16 -1.05 -13.82
N HIS A 85 12.94 -1.54 -14.08
CA HIS A 85 11.74 -0.71 -14.16
C HIS A 85 10.55 -1.61 -13.82
N TRP A 86 9.44 -1.01 -13.35
CA TRP A 86 8.23 -1.79 -13.05
C TRP A 86 7.59 -2.41 -14.29
N ARG A 87 7.78 -1.76 -15.45
CA ARG A 87 7.19 -2.21 -16.71
C ARG A 87 7.56 -3.64 -17.06
N THR A 88 8.84 -3.98 -16.86
CA THR A 88 9.35 -5.32 -17.17
C THR A 88 9.54 -6.16 -15.90
N ALA A 89 8.78 -5.87 -14.85
CA ALA A 89 8.99 -6.49 -13.55
C ALA A 89 8.16 -7.75 -13.28
N ARG A 90 7.33 -8.14 -14.24
CA ARG A 90 6.57 -9.39 -14.12
C ARG A 90 7.39 -10.54 -14.68
N THR A 91 8.47 -10.85 -13.97
CA THR A 91 9.42 -11.87 -14.38
C THR A 91 8.90 -13.23 -13.94
N PRO A 92 9.25 -14.29 -14.69
CA PRO A 92 8.82 -15.63 -14.30
C PRO A 92 9.24 -16.04 -12.88
N GLY A 93 10.42 -15.59 -12.44
CA GLY A 93 10.89 -15.87 -11.09
C GLY A 93 10.06 -15.25 -9.98
N SER A 94 9.43 -14.11 -10.26
CA SER A 94 8.59 -13.41 -9.28
C SER A 94 7.11 -13.80 -9.36
N ARG A 95 6.76 -14.54 -10.41
CA ARG A 95 5.37 -14.88 -10.70
C ARG A 95 4.68 -15.65 -9.56
N PRO A 96 5.25 -16.79 -9.11
CA PRO A 96 4.58 -17.49 -8.00
C PRO A 96 4.35 -16.63 -6.75
N LEU A 97 5.31 -15.77 -6.43
CA LEU A 97 5.19 -14.90 -5.26
C LEU A 97 4.12 -13.81 -5.42
N SER A 98 3.88 -13.40 -6.66
CA SER A 98 2.77 -12.48 -6.95
C SER A 98 1.44 -13.18 -6.69
N PHE A 99 1.31 -14.42 -7.14
CA PHE A 99 0.14 -15.23 -6.83
C PHE A 99 -0.02 -15.42 -5.32
N LEU A 100 1.09 -15.67 -4.62
CA LEU A 100 1.04 -15.84 -3.16
C LEU A 100 0.48 -14.58 -2.47
N LEU A 101 0.95 -13.41 -2.87
CA LEU A 101 0.47 -12.15 -2.30
C LEU A 101 -1.03 -12.00 -2.50
N MET A 102 -1.48 -12.30 -3.72
CA MET A 102 -2.90 -12.25 -4.06
C MET A 102 -3.74 -13.19 -3.18
N LEU A 103 -3.24 -14.40 -2.96
CA LEU A 103 -3.94 -15.37 -2.11
C LEU A 103 -4.08 -14.85 -0.67
N TYR A 104 -2.98 -14.37 -0.10
CA TYR A 104 -3.01 -13.78 1.24
C TYR A 104 -3.98 -12.59 1.30
N ALA A 105 -3.90 -11.72 0.30
CA ALA A 105 -4.76 -10.55 0.21
C ALA A 105 -6.25 -10.92 0.19
N GLY A 106 -6.57 -12.02 -0.50
CA GLY A 106 -7.95 -12.50 -0.60
C GLY A 106 -8.62 -12.86 0.72
N LEU A 107 -7.81 -13.17 1.73
CA LEU A 107 -8.32 -13.42 3.08
C LEU A 107 -8.76 -12.14 3.80
N LEU A 108 -8.29 -10.98 3.34
CA LEU A 108 -8.56 -9.70 3.99
C LEU A 108 -9.59 -8.82 3.27
N GLY A 109 -9.78 -9.00 1.96
CA GLY A 109 -10.75 -8.19 1.22
C GLY A 109 -10.65 -8.28 -0.30
N ASP A 110 -11.19 -7.27 -0.97
CA ASP A 110 -11.25 -7.19 -2.42
C ASP A 110 -10.06 -6.40 -2.96
N VAL A 111 -9.28 -7.01 -3.83
CA VAL A 111 -8.12 -6.33 -4.43
C VAL A 111 -8.52 -5.45 -5.61
N PHE A 112 -7.75 -4.39 -5.84
CA PHE A 112 -8.00 -3.47 -6.95
C PHE A 112 -6.74 -2.68 -7.30
N GLY A 113 -6.76 -2.09 -8.49
CA GLY A 113 -5.70 -1.18 -8.93
C GLY A 113 -6.27 0.14 -9.40
N TRP A 114 -5.41 0.99 -9.93
CA TRP A 114 -5.80 2.30 -10.44
C TRP A 114 -5.38 2.40 -11.90
N ALA A 115 -6.24 2.94 -12.75
CA ALA A 115 -5.92 3.08 -14.17
C ALA A 115 -4.73 4.02 -14.40
N THR A 116 -4.45 4.88 -13.42
CA THR A 116 -3.38 5.86 -13.52
C THR A 116 -2.07 5.46 -12.80
N GLN A 117 -2.02 4.25 -12.24
CA GLN A 117 -0.80 3.75 -11.58
C GLN A 117 -0.32 2.46 -12.24
N GLN A 118 0.94 2.46 -12.67
CA GLN A 118 1.57 1.29 -13.28
C GLN A 118 0.63 0.53 -14.23
N ASP A 119 0.05 1.26 -15.18
CA ASP A 119 -0.78 0.69 -16.25
C ASP A 119 -2.01 -0.11 -15.80
N GLY A 120 -2.58 0.26 -14.66
CA GLY A 120 -3.77 -0.40 -14.15
C GLY A 120 -3.55 -1.77 -13.53
N ARG A 121 -2.29 -2.11 -13.25
CA ARG A 121 -1.97 -3.39 -12.64
C ARG A 121 -2.49 -3.48 -11.22
N VAL A 122 -2.92 -4.68 -10.83
CA VAL A 122 -3.40 -4.92 -9.48
C VAL A 122 -2.21 -5.25 -8.57
N VAL A 123 -1.39 -6.21 -8.99
CA VAL A 123 -0.10 -6.44 -8.32
C VAL A 123 0.92 -5.50 -8.95
N THR A 124 1.44 -4.57 -8.15
CA THR A 124 2.41 -3.58 -8.62
C THR A 124 3.79 -3.85 -8.01
N ASP A 125 4.78 -3.07 -8.45
CA ASP A 125 6.17 -3.27 -8.01
C ASP A 125 6.76 -2.05 -7.34
N VAL A 126 7.55 -2.31 -6.29
CA VAL A 126 8.33 -1.31 -5.59
C VAL A 126 9.79 -1.70 -5.77
N LEU A 127 10.53 -0.88 -6.52
CA LEU A 127 11.96 -1.08 -6.72
C LEU A 127 12.59 0.24 -7.13
N PRO A 128 13.89 0.43 -6.85
CA PRO A 128 14.54 1.68 -7.20
C PRO A 128 14.78 1.82 -8.71
N ILE A 129 14.37 2.95 -9.28
CA ILE A 129 14.55 3.19 -10.72
C ILE A 129 15.65 4.23 -10.91
N LYS A 130 16.66 3.86 -11.70
CA LYS A 130 17.84 4.69 -11.95
C LYS A 130 17.42 6.04 -12.51
N GLY A 131 17.94 7.12 -11.92
CA GLY A 131 17.57 8.47 -12.30
C GLY A 131 16.41 9.05 -11.52
N GLY A 132 15.66 8.19 -10.82
CA GLY A 132 14.49 8.62 -10.04
C GLY A 132 14.71 8.45 -8.55
N GLU A 133 15.93 8.74 -8.08
CA GLU A 133 16.30 8.54 -6.68
C GLU A 133 15.64 9.57 -5.76
N HIS A 134 15.43 10.78 -6.28
CA HIS A 134 14.91 11.88 -5.47
C HIS A 134 13.51 12.29 -5.92
N THR A 135 12.63 11.30 -6.05
CA THR A 135 11.24 11.53 -6.44
C THR A 135 10.33 11.23 -5.26
N LEU A 136 9.04 11.53 -5.41
CA LEU A 136 8.07 11.31 -4.35
C LEU A 136 7.31 9.99 -4.50
N VAL A 137 7.80 9.10 -5.37
CA VAL A 137 7.14 7.82 -5.63
C VAL A 137 7.95 6.67 -5.04
N SER A 138 7.38 5.46 -5.09
CA SER A 138 7.94 4.30 -4.42
C SER A 138 9.21 3.75 -5.07
N SER A 139 9.53 4.22 -6.27
CA SER A 139 10.78 3.87 -6.96
C SER A 139 11.94 4.80 -6.58
N SER A 140 11.73 5.66 -5.59
CA SER A 140 12.79 6.48 -5.04
C SER A 140 13.73 5.64 -4.19
N SER A 141 14.80 6.26 -3.71
CA SER A 141 15.76 5.56 -2.87
C SER A 141 16.52 6.54 -1.98
N ARG A 142 17.38 7.34 -2.59
CA ARG A 142 18.25 8.24 -1.84
C ARG A 142 17.46 9.25 -1.03
N GLN A 143 16.30 9.67 -1.55
CA GLN A 143 15.37 10.50 -0.79
C GLN A 143 14.35 9.59 -0.08
N GLU A 144 14.20 9.82 1.23
CA GLU A 144 13.21 9.09 2.02
C GLU A 144 11.83 9.24 1.41
N LEU A 145 11.06 8.15 1.39
CA LEU A 145 9.66 8.24 1.01
C LEU A 145 8.89 8.65 2.27
N GLY A 146 8.44 9.90 2.29
CA GLY A 146 7.74 10.46 3.45
C GLY A 146 6.47 9.72 3.80
N TRP A 147 6.09 9.79 5.07
CA TRP A 147 4.91 9.06 5.54
C TRP A 147 3.63 9.55 4.87
N HIS A 148 2.72 8.61 4.62
CA HIS A 148 1.47 8.95 3.94
C HIS A 148 0.39 7.88 4.12
N THR A 149 -0.86 8.33 4.07
CA THR A 149 -1.98 7.44 3.83
C THR A 149 -1.98 7.15 2.34
N GLU A 150 -2.08 5.88 1.97
CA GLU A 150 -2.06 5.49 0.57
C GLU A 150 -3.24 6.11 -0.17
N ASP A 151 -2.95 6.83 -1.25
CA ASP A 151 -3.99 7.48 -2.07
C ASP A 151 -4.92 8.37 -1.24
N ALA A 152 -4.34 9.16 -0.36
CA ALA A 152 -5.09 9.99 0.56
C ALA A 152 -6.11 10.90 -0.15
N PHE A 153 -5.74 11.37 -1.34
CA PHE A 153 -6.63 12.22 -2.15
C PHE A 153 -8.01 11.63 -2.42
N SER A 154 -8.10 10.30 -2.50
CA SER A 154 -9.30 9.62 -2.99
C SER A 154 -10.14 9.01 -1.87
N PRO A 155 -11.48 9.15 -1.97
CA PRO A 155 -12.36 8.43 -1.05
C PRO A 155 -12.37 6.92 -1.28
N TYR A 156 -11.81 6.47 -2.40
CA TYR A 156 -11.78 5.05 -2.77
C TYR A 156 -10.46 4.37 -2.42
N ARG A 157 -9.63 5.06 -1.63
CA ARG A 157 -8.34 4.52 -1.21
C ARG A 157 -8.49 3.22 -0.42
N ALA A 158 -7.44 2.41 -0.46
CA ALA A 158 -7.45 1.09 0.16
C ALA A 158 -7.66 1.14 1.66
N ASP A 159 -8.22 0.05 2.18
CA ASP A 159 -8.29 -0.20 3.62
C ASP A 159 -6.98 -0.84 4.10
N TYR A 160 -6.41 -1.70 3.26
CA TYR A 160 -5.11 -2.31 3.54
C TYR A 160 -4.18 -2.21 2.34
N VAL A 161 -2.90 -1.95 2.63
CA VAL A 161 -1.85 -1.98 1.61
C VAL A 161 -0.95 -3.18 1.91
N GLY A 162 -0.87 -4.10 0.97
CA GLY A 162 -0.06 -5.30 1.12
C GLY A 162 1.31 -5.13 0.47
N LEU A 163 2.35 -5.54 1.18
CA LEU A 163 3.74 -5.46 0.70
C LEU A 163 4.43 -6.79 0.94
N LEU A 164 4.88 -7.43 -0.13
CA LEU A 164 5.64 -8.68 -0.02
C LEU A 164 7.07 -8.44 -0.46
N SER A 165 8.01 -8.69 0.44
CA SER A 165 9.43 -8.45 0.18
C SER A 165 10.03 -9.62 -0.61
N LEU A 166 10.33 -9.37 -1.89
CA LEU A 166 11.02 -10.36 -2.73
C LEU A 166 12.50 -10.42 -2.37
N ARG A 167 13.10 -9.26 -2.14
CA ARG A 167 14.43 -9.18 -1.55
C ARG A 167 14.67 -7.83 -0.89
N ASN A 168 15.53 -7.84 0.12
CA ASN A 168 15.86 -6.65 0.89
C ASN A 168 17.17 -6.93 1.63
N PRO A 169 18.27 -7.12 0.86
CA PRO A 169 19.54 -7.60 1.42
C PRO A 169 20.17 -6.71 2.50
N ASP A 170 19.90 -5.40 2.45
CA ASP A 170 20.50 -4.46 3.39
C ASP A 170 19.51 -4.00 4.49
N GLY A 171 18.36 -4.67 4.57
CA GLY A 171 17.40 -4.46 5.66
C GLY A 171 16.83 -3.05 5.72
N VAL A 172 16.50 -2.49 4.56
CA VAL A 172 15.92 -1.15 4.49
C VAL A 172 14.54 -1.15 5.13
N ALA A 173 14.29 -0.19 6.02
CA ALA A 173 13.09 -0.17 6.84
C ALA A 173 11.90 0.53 6.17
N THR A 174 10.74 -0.10 6.28
CA THR A 174 9.47 0.57 6.03
C THR A 174 9.15 1.36 7.30
N THR A 175 8.57 2.53 7.15
CA THR A 175 8.22 3.37 8.30
C THR A 175 6.71 3.34 8.54
N LEU A 176 6.32 3.48 9.80
CA LEU A 176 4.92 3.46 10.21
C LEU A 176 4.67 4.44 11.36
N ALA A 177 3.45 4.95 11.41
CA ALA A 177 2.99 5.76 12.55
C ALA A 177 1.48 5.70 12.66
N GLY A 178 0.99 5.58 13.88
CA GLY A 178 -0.45 5.67 14.15
C GLY A 178 -0.84 7.09 14.50
N VAL A 179 -2.11 7.29 14.85
CA VAL A 179 -2.60 8.58 15.30
C VAL A 179 -1.91 8.87 16.64
N PRO A 180 -1.26 10.03 16.77
CA PRO A 180 -0.55 10.35 18.02
C PRO A 180 -1.53 10.79 19.11
N LEU A 181 -2.40 9.87 19.51
CA LEU A 181 -3.55 10.19 20.37
C LEU A 181 -3.10 10.55 21.79
N ASP A 182 -1.96 10.02 22.22
CA ASP A 182 -1.40 10.34 23.54
C ASP A 182 -0.91 11.79 23.65
N ASP A 183 -0.76 12.50 22.53
CA ASP A 183 -0.21 13.86 22.53
C ASP A 183 -1.13 14.95 21.94
N LEU A 184 -2.13 14.56 21.16
CA LEU A 184 -3.06 15.52 20.56
C LEU A 184 -4.04 16.07 21.60
N ASP A 185 -3.97 17.38 21.83
CA ASP A 185 -4.94 18.05 22.70
C ASP A 185 -6.31 18.12 22.02
N GLU A 186 -7.36 18.32 22.80
CA GLU A 186 -8.74 18.19 22.29
C GLU A 186 -9.14 19.25 21.28
N ARG A 187 -8.61 20.47 21.43
CA ARG A 187 -8.87 21.55 20.47
CA ARG A 187 -8.86 21.54 20.47
C ARG A 187 -8.26 21.18 19.11
N THR A 188 -7.00 20.76 19.12
CA THR A 188 -6.32 20.32 17.90
C THR A 188 -7.05 19.14 17.27
N LEU A 189 -7.38 18.16 18.11
CA LEU A 189 -8.17 17.01 17.70
C LEU A 189 -9.49 17.44 17.03
N ASP A 190 -10.22 18.35 17.68
CA ASP A 190 -11.48 18.89 17.12
C ASP A 190 -11.30 19.45 15.71
N VAL A 191 -10.24 20.22 15.51
CA VAL A 191 -9.99 20.87 14.21
C VAL A 191 -9.64 19.83 13.14
N LEU A 192 -8.86 18.82 13.52
CA LEU A 192 -8.48 17.74 12.59
C LEU A 192 -9.69 16.90 12.14
N PHE A 193 -10.73 16.86 12.96
CA PHE A 193 -12.00 16.18 12.61
C PHE A 193 -12.90 17.02 11.69
N GLN A 194 -12.53 18.29 11.45
CA GLN A 194 -13.34 19.18 10.61
C GLN A 194 -12.81 19.21 9.19
N GLU A 195 -13.70 19.49 8.24
CA GLU A 195 -13.36 19.49 6.82
C GLU A 195 -12.65 20.79 6.45
N ARG A 196 -11.38 20.87 6.82
CA ARG A 196 -10.59 22.10 6.71
C ARG A 196 -9.20 21.86 6.14
N PHE A 197 -9.07 20.80 5.35
CA PHE A 197 -7.77 20.38 4.82
C PHE A 197 -7.89 19.99 3.35
N LEU A 198 -6.79 20.15 2.63
CA LEU A 198 -6.71 19.81 1.21
C LEU A 198 -5.71 18.68 1.05
N ILE A 199 -6.03 17.72 0.21
CA ILE A 199 -5.18 16.56 -0.02
C ILE A 199 -5.19 16.22 -1.51
N ARG A 200 -4.05 16.46 -2.17
CA ARG A 200 -3.92 16.31 -3.61
C ARG A 200 -3.34 14.94 -3.97
N PRO A 201 -3.63 14.44 -5.20
CA PRO A 201 -3.09 13.16 -5.62
C PRO A 201 -1.56 13.19 -5.76
N ASP A 202 -0.92 12.09 -5.39
CA ASP A 202 0.54 11.98 -5.44
C ASP A 202 1.04 11.78 -6.88
N ASP A 203 2.35 11.83 -7.05
CA ASP A 203 2.96 11.81 -8.38
C ASP A 203 2.84 10.48 -9.14
N SER A 204 2.53 9.39 -8.45
CA SER A 204 2.35 8.08 -9.12
C SER A 204 1.13 8.03 -10.04
N HIS A 205 0.19 8.98 -9.86
CA HIS A 205 -1.01 9.07 -10.70
C HIS A 205 -0.87 9.99 -11.91
N LEU A 206 0.32 10.54 -12.12
CA LEU A 206 0.59 11.40 -13.28
C LEU A 206 0.97 10.55 -14.48
N GLN A 207 0.62 11.04 -15.68
CA GLN A 207 0.86 10.29 -16.93
C GLN A 207 2.34 9.95 -17.16
N VAL A 208 3.24 10.82 -16.71
CA VAL A 208 4.68 10.61 -16.89
C VAL A 208 5.20 9.31 -16.25
N ASN A 209 4.52 8.84 -15.21
CA ASN A 209 4.89 7.60 -14.54
C ASN A 209 4.02 6.39 -14.96
N ASN A 210 3.46 6.46 -16.15
CA ASN A 210 2.77 5.33 -16.78
C ASN A 210 3.25 5.15 -18.21
N SER A 211 2.96 3.99 -18.79
CA SER A 211 3.41 3.67 -20.15
C SER A 211 2.66 4.47 -21.20
N THR A 212 3.31 4.68 -22.35
CA THR A 212 2.70 5.38 -23.49
C THR A 212 1.70 4.46 -24.17
N ALA A 213 0.41 4.72 -23.99
CA ALA A 213 -0.65 3.91 -24.59
C ALA A 213 -1.99 4.63 -24.58
N GLN A 214 -2.92 4.16 -25.42
CA GLN A 214 -4.28 4.68 -25.48
C GLN A 214 -5.24 3.71 -24.76
N GLN A 215 -4.99 3.52 -23.46
CA GLN A 215 -5.82 2.68 -22.62
C GLN A 215 -5.66 3.11 -21.16
N GLY A 216 -6.75 3.52 -20.53
CA GLY A 216 -6.70 4.15 -19.21
C GLY A 216 -6.30 5.61 -19.33
N ARG A 217 -6.82 6.27 -20.36
CA ARG A 217 -6.47 7.66 -20.68
C ARG A 217 -7.39 8.65 -19.96
N VAL A 218 -8.69 8.40 -20.00
CA VAL A 218 -9.69 9.32 -19.45
C VAL A 218 -9.60 9.44 -17.92
N GLU A 219 -9.06 8.42 -17.26
CA GLU A 219 -8.94 8.43 -15.79
C GLU A 219 -7.96 9.48 -15.25
N PHE A 220 -7.03 9.92 -16.10
CA PHE A 220 -6.09 10.98 -15.73
C PHE A 220 -6.76 12.36 -15.60
N GLU A 221 -7.94 12.51 -16.19
CA GLU A 221 -8.71 13.76 -16.09
C GLU A 221 -9.19 13.98 -14.65
N GLY A 222 -9.66 12.91 -14.01
CA GLY A 222 -10.09 12.98 -12.61
C GLY A 222 -8.97 13.32 -11.65
N ILE A 223 -7.76 12.83 -11.94
CA ILE A 223 -6.58 13.11 -11.13
C ILE A 223 -6.23 14.60 -11.20
N ALA A 224 -6.28 15.17 -12.41
CA ALA A 224 -6.06 16.59 -12.61
C ALA A 224 -7.05 17.43 -11.82
N GLN A 225 -8.32 17.03 -11.84
CA GLN A 225 -9.39 17.74 -11.11
C GLN A 225 -9.17 17.72 -9.60
N ALA A 226 -8.66 16.60 -9.08
CA ALA A 226 -8.33 16.49 -7.66
C ALA A 226 -7.10 17.33 -7.30
N ALA A 227 -6.20 17.49 -8.25
CA ALA A 227 -5.00 18.31 -8.07
C ALA A 227 -5.32 19.80 -8.16
N ASP A 228 -6.14 20.18 -9.15
CA ASP A 228 -6.46 21.59 -9.41
C ASP A 228 -7.49 22.15 -8.43
N ARG A 229 -8.56 21.38 -8.21
CA ARG A 229 -9.68 21.82 -7.37
C ARG A 229 -10.00 20.81 -6.26
N PRO A 230 -9.13 20.72 -5.24
CA PRO A 230 -9.38 19.81 -4.13
C PRO A 230 -10.44 20.36 -3.18
N GLU A 231 -11.50 19.58 -2.95
CA GLU A 231 -12.54 19.97 -2.00
C GLU A 231 -12.03 19.78 -0.57
N PRO A 232 -12.39 20.68 0.36
CA PRO A 232 -11.93 20.50 1.74
C PRO A 232 -12.43 19.19 2.37
N VAL A 233 -11.53 18.50 3.07
CA VAL A 233 -11.87 17.25 3.75
C VAL A 233 -11.25 17.22 5.13
N ALA A 234 -11.66 16.26 5.95
CA ALA A 234 -11.10 16.08 7.28
C ALA A 234 -9.86 15.20 7.21
N ILE A 235 -9.01 15.32 8.22
CA ILE A 235 -7.86 14.44 8.40
C ILE A 235 -8.26 13.24 9.28
N LEU A 236 -9.00 13.51 10.36
CA LEU A 236 -9.46 12.45 11.25
C LEU A 236 -10.97 12.21 11.08
N THR A 237 -11.37 10.95 11.17
CA THR A 237 -12.79 10.56 11.08
C THR A 237 -13.10 9.46 12.08
N GLY A 238 -14.39 9.27 12.35
CA GLY A 238 -14.87 8.18 13.20
C GLY A 238 -14.75 8.45 14.69
N HIS A 239 -14.29 7.45 15.43
CA HIS A 239 -14.28 7.49 16.89
C HIS A 239 -13.16 8.37 17.43
N ARG A 240 -13.50 9.33 18.28
CA ARG A 240 -12.48 10.22 18.85
C ARG A 240 -11.43 9.49 19.70
N ALA A 241 -11.82 8.36 20.30
CA ALA A 241 -10.91 7.55 21.09
C ALA A 241 -10.08 6.57 20.24
N ALA A 242 -10.40 6.46 18.96
CA ALA A 242 -9.63 5.64 18.02
C ALA A 242 -9.89 6.10 16.58
N PRO A 243 -9.40 7.30 16.23
CA PRO A 243 -9.74 7.90 14.94
C PRO A 243 -9.09 7.20 13.75
N HIS A 244 -9.73 7.29 12.58
CA HIS A 244 -9.09 6.91 11.34
C HIS A 244 -8.41 8.12 10.73
N LEU A 245 -7.40 7.87 9.91
CA LEU A 245 -6.42 8.88 9.53
C LEU A 245 -6.33 9.01 8.02
N ARG A 246 -6.35 10.25 7.54
CA ARG A 246 -6.23 10.55 6.12
C ARG A 246 -5.29 11.75 5.95
N VAL A 247 -4.01 11.47 5.69
CA VAL A 247 -3.02 12.54 5.59
C VAL A 247 -1.84 12.11 4.72
N ASP A 248 -1.16 13.10 4.15
CA ASP A 248 0.06 12.85 3.39
C ASP A 248 1.04 13.97 3.70
N GLY A 249 2.20 13.60 4.24
CA GLY A 249 3.22 14.56 4.66
C GLY A 249 3.65 15.54 3.59
N ASP A 250 3.66 15.10 2.33
CA ASP A 250 4.10 15.94 1.21
C ASP A 250 2.97 16.52 0.36
N PHE A 251 1.75 16.00 0.51
CA PHE A 251 0.63 16.45 -0.33
C PHE A 251 -0.55 17.05 0.45
N SER A 252 -0.47 17.09 1.78
CA SER A 252 -1.53 17.73 2.58
C SER A 252 -1.27 19.22 2.76
N ALA A 253 -2.36 19.96 2.90
CA ALA A 253 -2.30 21.40 3.12
C ALA A 253 -3.56 21.85 3.85
N PRO A 254 -3.52 23.01 4.53
CA PRO A 254 -4.74 23.54 5.12
C PRO A 254 -5.61 24.17 4.04
N ALA A 255 -6.90 24.33 4.33
CA ALA A 255 -7.78 25.11 3.46
C ALA A 255 -7.20 26.52 3.36
N GLU A 256 -7.29 27.13 2.18
CA GLU A 256 -6.63 28.41 1.92
C GLU A 256 -7.02 29.47 2.94
N GLY A 257 -6.03 30.06 3.60
CA GLY A 257 -6.25 31.10 4.62
C GLY A 257 -6.59 30.60 6.02
N ASP A 258 -6.87 29.30 6.16
CA ASP A 258 -7.30 28.73 7.43
C ASP A 258 -6.10 28.46 8.35
N GLU A 259 -5.78 29.42 9.22
CA GLU A 259 -4.59 29.34 10.06
C GLU A 259 -4.74 28.39 11.26
N GLU A 260 -5.98 28.20 11.72
CA GLU A 260 -6.25 27.23 12.80
C GLU A 260 -6.08 25.79 12.29
N ALA A 261 -6.59 25.53 11.09
CA ALA A 261 -6.39 24.24 10.44
C ALA A 261 -4.90 24.00 10.22
N ALA A 262 -4.21 25.04 9.76
CA ALA A 262 -2.77 24.98 9.53
C ALA A 262 -2.00 24.59 10.79
N ALA A 263 -2.34 25.21 11.92
CA ALA A 263 -1.66 24.91 13.19
C ALA A 263 -1.86 23.46 13.60
N ALA A 264 -3.08 22.96 13.40
CA ALA A 264 -3.41 21.57 13.73
C ALA A 264 -2.61 20.58 12.85
N LEU A 265 -2.52 20.87 11.56
CA LEU A 265 -1.73 20.04 10.63
C LEU A 265 -0.24 20.13 10.95
N GLY A 266 0.23 21.33 11.28
CA GLY A 266 1.62 21.52 11.70
C GLY A 266 1.97 20.71 12.93
N THR A 267 1.09 20.74 13.92
CA THR A 267 1.26 19.95 15.14
C THR A 267 1.22 18.46 14.83
N LEU A 268 0.30 18.05 13.96
CA LEU A 268 0.20 16.64 13.57
C LEU A 268 1.49 16.15 12.89
N ARG A 269 2.04 16.97 12.00
CA ARG A 269 3.33 16.64 11.35
C ARG A 269 4.41 16.37 12.38
N LYS A 270 4.52 17.28 13.35
CA LYS A 270 5.51 17.17 14.40
C LYS A 270 5.34 15.89 15.21
N LEU A 271 4.10 15.60 15.60
CA LEU A 271 3.81 14.42 16.42
C LEU A 271 4.01 13.10 15.66
N ILE A 272 3.65 13.08 14.38
CA ILE A 272 3.88 11.89 13.56
C ILE A 272 5.38 11.68 13.30
N ASP A 273 6.11 12.76 12.99
CA ASP A 273 7.55 12.68 12.83
C ASP A 273 8.22 12.07 14.06
N ALA A 274 7.78 12.49 15.25
CA ALA A 274 8.37 12.06 16.52
C ALA A 274 8.05 10.61 16.91
N SER A 275 6.92 10.09 16.42
CA SER A 275 6.48 8.74 16.78
C SER A 275 6.67 7.72 15.65
N LEU A 276 7.24 8.15 14.53
CA LEU A 276 7.50 7.28 13.38
C LEU A 276 8.46 6.17 13.80
N TYR A 277 8.11 4.91 13.49
CA TYR A 277 8.95 3.76 13.83
C TYR A 277 9.18 2.89 12.59
N GLU A 278 10.05 1.89 12.75
CA GLU A 278 10.54 1.10 11.63
C GLU A 278 10.06 -0.35 11.66
N LEU A 279 9.74 -0.86 10.48
CA LEU A 279 9.41 -2.27 10.26
C LEU A 279 10.28 -2.74 9.10
N VAL A 280 11.17 -3.69 9.36
CA VAL A 280 12.04 -4.22 8.31
C VAL A 280 11.39 -5.48 7.71
N LEU A 281 10.99 -5.38 6.45
CA LEU A 281 10.46 -6.52 5.73
C LEU A 281 11.62 -7.26 5.08
N ASP A 282 12.09 -8.31 5.76
CA ASP A 282 13.13 -9.15 5.22
C ASP A 282 12.55 -10.00 4.09
N GLN A 283 13.42 -10.55 3.27
CA GLN A 283 13.04 -11.43 2.18
C GLN A 283 12.01 -12.47 2.62
N GLY A 284 10.83 -12.44 1.98
CA GLY A 284 9.76 -13.39 2.29
C GLY A 284 8.73 -12.89 3.29
N ASP A 285 8.99 -11.73 3.90
CA ASP A 285 8.02 -11.15 4.83
C ASP A 285 6.93 -10.43 4.05
N VAL A 286 5.69 -10.53 4.55
CA VAL A 286 4.55 -9.81 3.98
C VAL A 286 3.93 -8.93 5.05
N ALA A 287 3.58 -7.71 4.68
CA ALA A 287 2.88 -6.81 5.59
C ALA A 287 1.59 -6.34 4.92
N PHE A 288 0.52 -6.32 5.72
CA PHE A 288 -0.73 -5.68 5.32
C PHE A 288 -0.95 -4.52 6.28
N ILE A 289 -0.67 -3.32 5.79
CA ILE A 289 -0.73 -2.10 6.61
C ILE A 289 -2.15 -1.59 6.65
N ASP A 290 -2.64 -1.31 7.85
CA ASP A 290 -3.97 -0.74 8.01
C ASP A 290 -3.95 0.74 7.60
N ASN A 291 -4.49 1.01 6.41
CA ASN A 291 -4.42 2.34 5.81
C ASN A 291 -5.35 3.38 6.47
N ARG A 292 -6.19 2.94 7.40
CA ARG A 292 -7.03 3.84 8.17
C ARG A 292 -6.44 4.18 9.55
N ARG A 293 -5.67 3.25 10.12
CA ARG A 293 -5.06 3.48 11.43
C ARG A 293 -3.67 4.09 11.34
N ALA A 294 -2.96 3.86 10.24
CA ALA A 294 -1.56 4.22 10.16
C ALA A 294 -1.18 4.86 8.84
N VAL A 295 -0.17 5.73 8.91
CA VAL A 295 0.55 6.19 7.73
C VAL A 295 1.82 5.35 7.60
N HIS A 296 2.38 5.28 6.40
CA HIS A 296 3.63 4.56 6.20
C HIS A 296 4.52 5.24 5.15
N GLY A 297 5.78 4.84 5.14
CA GLY A 297 6.77 5.35 4.20
C GLY A 297 7.92 4.37 4.07
N ARG A 298 9.08 4.87 3.65
CA ARG A 298 10.28 4.07 3.51
C ARG A 298 11.50 4.93 3.72
N ARG A 299 12.46 4.41 4.50
CA ARG A 299 13.70 5.15 4.78
C ARG A 299 14.53 5.36 3.52
N ALA A 300 15.29 6.45 3.53
CA ALA A 300 16.30 6.68 2.51
C ALA A 300 17.30 5.52 2.48
N PHE A 301 17.69 5.12 1.28
CA PHE A 301 18.74 4.12 1.12
C PHE A 301 19.54 4.36 -0.16
N GLN A 302 20.78 3.90 -0.18
CA GLN A 302 21.63 4.00 -1.36
C GLN A 302 21.31 2.82 -2.29
N PRO A 303 20.79 3.11 -3.50
CA PRO A 303 20.50 2.00 -4.40
C PRO A 303 21.77 1.33 -4.92
N ARG A 304 21.64 0.06 -5.30
CA ARG A 304 22.76 -0.74 -5.80
C ARG A 304 22.88 -0.67 -7.31
N TYR A 305 21.76 -0.89 -8.00
CA TYR A 305 21.70 -1.04 -9.47
C TYR A 305 22.63 -2.12 -10.04
N ASP A 306 22.82 -3.18 -9.26
CA ASP A 306 23.69 -4.30 -9.64
C ASP A 306 22.91 -5.60 -9.86
N GLY A 307 21.57 -5.52 -9.86
CA GLY A 307 20.72 -6.69 -10.04
C GLY A 307 20.13 -7.27 -8.75
N ARG A 308 20.59 -6.79 -7.60
CA ARG A 308 20.09 -7.30 -6.30
C ARG A 308 19.48 -6.20 -5.43
N ASP A 309 18.91 -5.17 -6.06
CA ASP A 309 18.22 -4.13 -5.30
C ASP A 309 16.99 -4.68 -4.59
N ARG A 310 16.67 -4.03 -3.48
CA ARG A 310 15.41 -4.23 -2.76
C ARG A 310 14.22 -4.17 -3.71
N TRP A 311 13.31 -5.11 -3.54
CA TRP A 311 12.20 -5.30 -4.47
C TRP A 311 10.99 -5.85 -3.72
N LEU A 312 9.88 -5.13 -3.78
CA LEU A 312 8.62 -5.58 -3.18
C LEU A 312 7.54 -5.73 -4.24
N LYS A 313 6.63 -6.68 -4.02
CA LYS A 313 5.34 -6.71 -4.73
C LYS A 313 4.32 -6.05 -3.81
N ARG A 314 3.36 -5.35 -4.43
CA ARG A 314 2.44 -4.50 -3.69
C ARG A 314 1.01 -4.67 -4.23
N ILE A 315 0.02 -4.48 -3.36
CA ILE A 315 -1.38 -4.61 -3.76
C ILE A 315 -2.29 -3.77 -2.87
N ASN A 316 -3.32 -3.18 -3.48
CA ASN A 316 -4.35 -2.42 -2.76
C ASN A 316 -5.54 -3.32 -2.43
N ILE A 317 -6.04 -3.22 -1.20
CA ILE A 317 -7.16 -4.04 -0.73
C ILE A 317 -8.25 -3.18 -0.10
N THR A 318 -9.50 -3.40 -0.49
CA THR A 318 -10.65 -2.76 0.15
C THR A 318 -11.56 -3.82 0.78
N ARG A 319 -12.17 -3.46 1.89
CA ARG A 319 -13.18 -4.32 2.52
C ARG A 319 -14.48 -4.36 1.72
N ASP A 320 -14.67 -3.38 0.83
CA ASP A 320 -15.91 -3.30 0.05
C ASP A 320 -15.68 -2.60 -1.29
N LEU A 321 -15.56 -3.41 -2.34
CA LEU A 321 -15.37 -2.90 -3.70
C LEU A 321 -16.50 -1.97 -4.17
N HIS A 322 -17.71 -2.18 -3.65
CA HIS A 322 -18.88 -1.39 -4.09
C HIS A 322 -18.84 0.07 -3.61
N ARG A 323 -18.03 0.33 -2.59
CA ARG A 323 -17.74 1.70 -2.15
C ARG A 323 -17.21 2.59 -3.27
N SER A 324 -16.48 1.99 -4.23
CA SER A 324 -15.82 2.74 -5.30
C SER A 324 -16.50 2.61 -6.66
N ARG A 325 -17.79 2.24 -6.70
CA ARG A 325 -18.46 1.92 -7.96
C ARG A 325 -18.52 3.09 -8.96
N LYS A 326 -18.48 4.33 -8.47
CA LYS A 326 -18.32 5.50 -9.35
C LYS A 326 -17.11 5.33 -10.25
N ALA A 327 -16.00 4.92 -9.62
CA ALA A 327 -14.70 4.87 -10.27
C ALA A 327 -14.45 3.58 -11.06
N TRP A 328 -15.42 2.67 -11.08
CA TRP A 328 -15.33 1.46 -11.89
C TRP A 328 -15.24 1.80 -13.37
N ALA A 329 -14.31 1.17 -14.09
CA ALA A 329 -14.20 1.32 -15.54
C ALA A 329 -15.31 0.54 -16.22
N GLY A 330 -15.45 -0.72 -15.83
CA GLY A 330 -16.54 -1.57 -16.29
C GLY A 330 -16.76 -2.71 -15.33
N ASP A 331 -16.36 -3.92 -15.74
CA ASP A 331 -16.37 -5.09 -14.86
C ASP A 331 -14.97 -5.37 -14.31
N SER A 332 -14.01 -4.52 -14.67
CA SER A 332 -12.63 -4.67 -14.23
C SER A 332 -12.46 -4.22 -12.77
N ARG A 333 -11.26 -4.42 -12.25
CA ARG A 333 -10.91 -4.04 -10.88
C ARG A 333 -9.91 -2.89 -10.89
N VAL A 334 -10.10 -1.95 -11.82
CA VAL A 334 -9.18 -0.85 -12.06
C VAL A 334 -9.94 0.46 -11.91
N LEU A 335 -9.59 1.25 -10.89
CA LEU A 335 -10.35 2.44 -10.52
C LEU A 335 -9.86 3.71 -11.20
N GLY A 336 -10.79 4.63 -11.44
CA GLY A 336 -10.47 5.98 -11.87
C GLY A 336 -11.72 6.75 -12.25
N GLN A 337 -11.69 8.06 -12.03
CA GLN A 337 -12.83 8.92 -12.31
C GLN A 337 -12.55 9.89 -13.45
N ARG A 338 -13.62 10.45 -13.99
CA ARG A 338 -13.53 11.58 -14.89
C ARG A 338 -14.03 12.82 -14.16
#